data_8PWO
#
_entry.id   8PWO
#
_cell.length_a   1.00
_cell.length_b   1.00
_cell.length_c   1.00
_cell.angle_alpha   90.00
_cell.angle_beta   90.00
_cell.angle_gamma   90.00
#
_symmetry.space_group_name_H-M   'P 1'
#
loop_
_entity.id
_entity.type
_entity.pdbx_description
1 polymer 'Capsid protein'
2 non-polymer Geraniol
#
_entity_poly.entity_id   1
_entity_poly.type   'polypeptide(L)'
_entity_poly.pdbx_seq_one_letter_code
;MDIDPYKEFGATVELLSFLPSDFFPSVRDLLDTASALYREALESPEHCSPHHTALRQAILCWGELMTLATWVGVNLEDPA
SRDLVVSYVNTNMGLKFRQLLWFHISCLTFGRETVIEYLVSFGVWIRTPPAYRPPNAPILSTLPETTVVRRRGRSPRRRT
PSPRRRRSQSPRRRRSQSRESQC
;
_entity_poly.pdbx_strand_id   B,A,C,D
#
# COMPACT_ATOMS: atom_id res chain seq x y z
N MET A 1 -4.32 21.39 31.18
CA MET A 1 -3.52 20.15 31.43
C MET A 1 -2.26 20.12 30.57
N ASP A 2 -1.19 19.56 31.13
CA ASP A 2 0.08 19.42 30.46
C ASP A 2 0.37 17.93 30.25
N ILE A 3 0.45 17.51 29.00
CA ILE A 3 0.55 16.10 28.65
C ILE A 3 1.93 15.82 28.07
N ASP A 4 2.48 14.66 28.40
CA ASP A 4 3.67 14.13 27.76
C ASP A 4 3.24 12.95 26.91
N PRO A 5 3.46 12.96 25.59
CA PRO A 5 2.93 11.88 24.75
C PRO A 5 3.58 10.54 25.00
N TYR A 6 4.64 10.46 25.81
CA TYR A 6 5.34 9.21 26.03
C TYR A 6 5.20 8.68 27.45
N LYS A 7 4.79 9.52 28.40
CA LYS A 7 4.58 9.07 29.77
C LYS A 7 3.62 7.89 29.80
N GLU A 8 2.57 7.94 28.97
CA GLU A 8 1.62 6.84 28.87
C GLU A 8 2.30 5.55 28.45
N PHE A 9 3.44 5.64 27.76
CA PHE A 9 4.12 4.47 27.21
C PHE A 9 5.38 4.12 28.00
N GLY A 10 5.73 4.92 28.99
CA GLY A 10 6.84 4.61 29.86
C GLY A 10 8.09 5.42 29.65
N ALA A 11 7.99 6.53 28.91
CA ALA A 11 9.14 7.38 28.64
C ALA A 11 8.81 8.84 28.92
N THR A 12 9.70 9.74 28.50
CA THR A 12 9.51 11.16 28.68
C THR A 12 10.08 11.89 27.48
N VAL A 13 9.95 13.21 27.48
CA VAL A 13 10.63 14.03 26.48
C VAL A 13 12.07 14.30 26.87
N GLU A 14 12.38 14.25 28.18
CA GLU A 14 13.75 14.41 28.62
C GLU A 14 14.60 13.20 28.26
N LEU A 15 13.98 12.04 28.06
CA LEU A 15 14.68 10.86 27.60
C LEU A 15 14.88 10.83 26.09
N LEU A 16 14.09 11.61 25.35
CA LEU A 16 14.23 11.74 23.91
C LEU A 16 14.81 13.07 23.49
N SER A 17 14.99 14.01 24.43
CA SER A 17 15.59 15.29 24.12
C SER A 17 17.05 15.17 23.72
N PHE A 18 17.69 14.07 24.06
CA PHE A 18 19.10 13.85 23.75
C PHE A 18 19.30 13.45 22.30
N LEU A 19 18.43 12.60 21.77
CA LEU A 19 18.43 12.24 20.37
C LEU A 19 18.47 13.48 19.50
N PRO A 20 19.53 13.69 18.73
CA PRO A 20 19.60 14.88 17.88
C PRO A 20 18.81 14.70 16.59
N SER A 21 18.59 15.83 15.92
CA SER A 21 17.83 15.83 14.67
C SER A 21 18.48 14.94 13.62
N ASP A 22 19.82 14.93 13.56
CA ASP A 22 20.54 14.06 12.65
C ASP A 22 20.17 12.59 12.82
N PHE A 23 19.52 12.23 13.91
CA PHE A 23 19.17 10.85 14.21
C PHE A 23 17.92 10.37 13.50
N PHE A 24 17.06 11.28 13.13
CA PHE A 24 15.70 10.92 12.76
C PHE A 24 15.53 10.91 11.25
N PRO A 25 14.95 9.87 10.67
CA PRO A 25 14.72 9.87 9.23
C PRO A 25 13.73 10.93 8.82
N SER A 26 13.60 11.11 7.51
CA SER A 26 12.55 11.96 6.98
C SER A 26 11.19 11.51 7.49
N VAL A 27 10.26 12.45 7.51
CA VAL A 27 8.89 12.09 7.85
C VAL A 27 8.32 11.21 6.76
N ARG A 28 8.65 11.50 5.50
CA ARG A 28 8.22 10.66 4.40
C ARG A 28 8.75 9.24 4.56
N ASP A 29 10.03 9.12 4.95
CA ASP A 29 10.61 7.81 5.14
C ASP A 29 9.95 7.06 6.29
N LEU A 30 9.69 7.74 7.40
CA LEU A 30 9.05 7.09 8.52
C LEU A 30 7.62 6.67 8.18
N LEU A 31 6.92 7.47 7.38
CA LEU A 31 5.58 7.11 6.96
C LEU A 31 5.59 5.92 6.02
N ASP A 32 6.52 5.89 5.08
CA ASP A 32 6.68 4.72 4.23
C ASP A 32 6.94 3.47 5.06
N THR A 33 7.80 3.59 6.08
CA THR A 33 8.07 2.46 6.95
C THR A 33 6.81 2.00 7.66
N ALA A 34 6.08 2.94 8.27
CA ALA A 34 4.86 2.59 8.98
C ALA A 34 3.87 1.92 8.06
N SER A 35 3.69 2.46 6.86
CA SER A 35 2.77 1.85 5.91
C SER A 35 3.21 0.42 5.65
N ALA A 36 4.39 0.26 5.04
CA ALA A 36 4.85 -1.06 4.64
C ALA A 36 4.74 -2.08 5.75
N LEU A 37 4.97 -1.67 7.00
CA LEU A 37 5.04 -2.63 8.09
C LEU A 37 3.70 -2.88 8.77
N TYR A 38 2.82 -1.88 8.87
CA TYR A 38 1.64 -2.01 9.72
C TYR A 38 0.39 -1.42 9.06
N ARG A 39 0.33 -1.39 7.73
CA ARG A 39 -0.86 -0.86 7.06
C ARG A 39 -2.08 -1.72 7.37
N GLU A 40 -1.93 -3.03 7.31
CA GLU A 40 -3.05 -3.94 7.55
C GLU A 40 -3.65 -3.76 8.93
N ALA A 41 -2.94 -3.11 9.85
CA ALA A 41 -3.43 -2.87 11.20
C ALA A 41 -3.90 -1.43 11.38
N LEU A 42 -3.10 -0.47 10.93
CA LEU A 42 -3.49 0.93 11.06
C LEU A 42 -4.78 1.21 10.32
N GLU A 43 -4.97 0.59 9.16
CA GLU A 43 -6.21 0.73 8.41
C GLU A 43 -7.30 -0.21 8.91
N SER A 44 -7.12 -0.84 10.05
CA SER A 44 -8.02 -1.87 10.53
C SER A 44 -8.97 -1.33 11.59
N PRO A 45 -10.10 -1.99 11.81
CA PRO A 45 -11.05 -1.58 12.85
C PRO A 45 -10.78 -2.27 14.20
N GLU A 46 -9.60 -2.03 14.76
CA GLU A 46 -9.20 -2.70 15.99
C GLU A 46 -8.34 -1.80 16.83
N HIS A 47 -8.54 -1.86 18.14
CA HIS A 47 -7.57 -1.31 19.09
C HIS A 47 -6.38 -2.25 19.16
N CYS A 48 -5.64 -2.37 18.06
CA CYS A 48 -4.54 -3.32 18.02
C CYS A 48 -3.57 -3.08 19.17
N SER A 49 -3.19 -1.83 19.41
CA SER A 49 -2.32 -1.47 20.52
C SER A 49 -2.40 0.04 20.71
N PRO A 50 -2.09 0.51 21.92
CA PRO A 50 -1.96 1.96 22.12
C PRO A 50 -0.98 2.58 21.16
N HIS A 51 0.05 1.84 20.76
CA HIS A 51 0.99 2.33 19.77
C HIS A 51 0.32 2.53 18.42
N HIS A 52 -0.53 1.60 18.01
CA HIS A 52 -1.25 1.77 16.76
C HIS A 52 -2.20 2.95 16.82
N THR A 53 -2.91 3.09 17.93
CA THR A 53 -3.79 4.23 18.12
C THR A 53 -3.02 5.55 17.96
N ALA A 54 -1.95 5.69 18.74
CA ALA A 54 -1.18 6.92 18.72
C ALA A 54 -0.56 7.17 17.35
N LEU A 55 -0.13 6.11 16.67
CA LEU A 55 0.44 6.26 15.34
C LEU A 55 -0.60 6.74 14.34
N ARG A 56 -1.82 6.18 14.40
CA ARG A 56 -2.89 6.68 13.55
C ARG A 56 -3.10 8.17 13.78
N GLN A 57 -3.21 8.58 15.04
CA GLN A 57 -3.45 9.99 15.33
C GLN A 57 -2.32 10.87 14.82
N ALA A 58 -1.08 10.43 15.01
CA ALA A 58 0.07 11.20 14.55
C ALA A 58 0.07 11.33 13.03
N ILE A 59 -0.21 10.25 12.32
CA ILE A 59 -0.26 10.29 10.85
C ILE A 59 -1.33 11.27 10.40
N LEU A 60 -2.49 11.25 11.05
CA LEU A 60 -3.58 12.14 10.65
C LEU A 60 -3.22 13.60 10.92
N CYS A 61 -2.61 13.88 12.06
CA CYS A 61 -2.19 15.25 12.34
C CYS A 61 -1.15 15.74 11.34
N TRP A 62 -0.23 14.86 10.94
CA TRP A 62 0.76 15.26 9.95
C TRP A 62 0.10 15.52 8.60
N GLY A 63 -0.88 14.69 8.22
CA GLY A 63 -1.64 14.95 7.02
C GLY A 63 -2.31 16.30 7.06
N GLU A 64 -2.88 16.66 8.20
CA GLU A 64 -3.49 17.97 8.35
C GLU A 64 -2.47 19.08 8.18
N LEU A 65 -1.28 18.91 8.75
CA LEU A 65 -0.25 19.94 8.61
C LEU A 65 0.20 20.09 7.16
N MET A 66 0.30 18.96 6.45
CA MET A 66 0.67 19.03 5.04
C MET A 66 -0.41 19.72 4.21
N THR A 67 -1.68 19.42 4.50
CA THR A 67 -2.76 20.13 3.83
C THR A 67 -2.70 21.62 4.12
N LEU A 68 -2.33 21.99 5.35
CA LEU A 68 -2.15 23.39 5.69
C LEU A 68 -1.07 24.02 4.83
N ALA A 69 0.09 23.37 4.73
CA ALA A 69 1.19 23.91 3.94
C ALA A 69 0.78 24.07 2.48
N THR A 70 0.05 23.10 1.96
CA THR A 70 -0.44 23.18 0.58
C THR A 70 -1.38 24.37 0.41
N TRP A 71 -2.35 24.50 1.30
CA TRP A 71 -3.26 25.64 1.25
C TRP A 71 -2.49 26.95 1.27
N VAL A 72 -1.43 27.01 2.07
CA VAL A 72 -0.62 28.23 2.11
C VAL A 72 0.01 28.47 0.75
N GLY A 73 0.72 27.47 0.23
CA GLY A 73 1.39 27.63 -1.05
C GLY A 73 0.44 28.04 -2.15
N VAL A 74 -0.82 27.67 -2.02
CA VAL A 74 -1.82 28.09 -3.02
C VAL A 74 -2.23 29.53 -2.78
N ASN A 75 -2.73 29.82 -1.58
CA ASN A 75 -3.43 31.08 -1.33
C ASN A 75 -2.48 32.24 -1.10
N LEU A 76 -1.53 32.08 -0.17
CA LEU A 76 -0.69 33.19 0.21
C LEU A 76 0.08 33.72 -1.00
N GLU A 77 0.36 35.02 -0.98
CA GLU A 77 0.99 35.70 -2.10
C GLU A 77 2.25 36.45 -1.70
N ASP A 78 2.62 36.42 -0.42
CA ASP A 78 3.89 36.98 0.03
C ASP A 78 4.89 35.85 0.20
N PRO A 79 5.83 35.66 -0.73
CA PRO A 79 6.77 34.55 -0.60
C PRO A 79 7.51 34.55 0.72
N ALA A 80 7.73 35.70 1.34
CA ALA A 80 8.32 35.73 2.67
C ALA A 80 7.53 34.87 3.64
N SER A 81 6.25 35.19 3.79
CA SER A 81 5.40 34.43 4.71
C SER A 81 5.27 32.98 4.27
N ARG A 82 5.10 32.75 2.97
CA ARG A 82 5.00 31.38 2.47
C ARG A 82 6.20 30.56 2.92
N ASP A 83 7.41 31.01 2.58
CA ASP A 83 8.62 30.31 2.99
C ASP A 83 8.66 30.13 4.50
N LEU A 84 8.41 31.21 5.24
CA LEU A 84 8.52 31.15 6.69
C LEU A 84 7.65 30.03 7.26
N VAL A 85 6.37 30.01 6.89
CA VAL A 85 5.45 29.06 7.51
C VAL A 85 5.72 27.63 7.02
N VAL A 86 5.97 27.46 5.72
CA VAL A 86 6.23 26.11 5.22
C VAL A 86 7.47 25.53 5.86
N SER A 87 8.54 26.32 5.92
CA SER A 87 9.76 25.88 6.56
C SER A 87 9.54 25.57 8.04
N TYR A 88 8.85 26.46 8.76
CA TYR A 88 8.62 26.22 10.17
C TYR A 88 7.90 24.90 10.37
N VAL A 89 6.86 24.66 9.59
CA VAL A 89 6.16 23.37 9.68
C VAL A 89 7.15 22.24 9.50
N ASN A 90 7.73 22.16 8.30
CA ASN A 90 8.52 20.99 7.92
C ASN A 90 9.74 20.78 8.82
N THR A 91 10.20 21.83 9.50
CA THR A 91 11.35 21.69 10.38
C THR A 91 10.92 21.39 11.82
N ASN A 92 10.21 22.32 12.46
CA ASN A 92 9.86 22.14 13.86
C ASN A 92 8.90 20.97 14.04
N MET A 93 7.75 21.01 13.38
CA MET A 93 6.79 19.95 13.59
C MET A 93 7.23 18.70 12.86
N GLY A 94 7.98 18.85 11.77
CA GLY A 94 8.64 17.71 11.17
C GLY A 94 9.49 16.96 12.17
N LEU A 95 10.23 17.68 13.00
CA LEU A 95 11.11 17.03 13.97
C LEU A 95 10.33 16.42 15.12
N LYS A 96 9.31 17.14 15.60
CA LYS A 96 8.47 16.57 16.66
C LYS A 96 7.83 15.27 16.18
N PHE A 97 7.29 15.28 14.97
CA PHE A 97 6.62 14.11 14.43
C PHE A 97 7.60 13.00 14.09
N ARG A 98 8.83 13.35 13.71
CA ARG A 98 9.85 12.35 13.52
C ARG A 98 10.17 11.63 14.83
N GLN A 99 10.43 12.39 15.89
CA GLN A 99 10.53 11.79 17.22
C GLN A 99 9.38 10.83 17.49
N LEU A 100 8.16 11.31 17.31
CA LEU A 100 6.97 10.54 17.63
C LEU A 100 6.90 9.24 16.84
N LEU A 101 6.89 9.35 15.51
CA LEU A 101 6.80 8.18 14.66
C LEU A 101 7.93 7.20 14.93
N TRP A 102 9.15 7.71 15.11
CA TRP A 102 10.25 6.83 15.43
C TRP A 102 10.01 6.08 16.72
N PHE A 103 9.60 6.78 17.78
CA PHE A 103 9.38 6.10 19.05
C PHE A 103 8.36 5.00 18.89
N HIS A 104 7.26 5.28 18.20
CA HIS A 104 6.18 4.31 18.11
C HIS A 104 6.58 3.11 17.27
N ILE A 105 7.10 3.37 16.06
CA ILE A 105 7.56 2.29 15.20
C ILE A 105 8.59 1.42 15.92
N SER A 106 9.55 2.06 16.59
CA SER A 106 10.63 1.32 17.20
C SER A 106 10.15 0.50 18.39
N CYS A 107 9.23 1.05 19.20
CA CYS A 107 8.67 0.24 20.26
C CYS A 107 7.93 -0.95 19.69
N LEU A 108 7.01 -0.72 18.77
CA LEU A 108 6.29 -1.81 18.11
C LEU A 108 7.25 -2.90 17.63
N THR A 109 8.32 -2.50 16.95
CA THR A 109 9.25 -3.48 16.39
C THR A 109 10.02 -4.22 17.49
N PHE A 110 10.76 -3.48 18.31
CA PHE A 110 11.74 -4.08 19.20
C PHE A 110 11.15 -4.43 20.57
N GLY A 111 10.50 -3.49 21.22
CA GLY A 111 10.07 -3.66 22.59
C GLY A 111 10.30 -2.40 23.41
N ARG A 112 9.40 -2.18 24.36
CA ARG A 112 9.56 -1.10 25.32
C ARG A 112 10.91 -1.22 26.03
N GLU A 113 11.21 -2.41 26.55
CA GLU A 113 12.49 -2.66 27.19
C GLU A 113 13.65 -2.24 26.29
N THR A 114 13.73 -2.82 25.09
CA THR A 114 14.84 -2.55 24.20
C THR A 114 14.97 -1.07 23.89
N VAL A 115 13.86 -0.41 23.58
CA VAL A 115 13.93 0.98 23.14
C VAL A 115 14.33 1.88 24.29
N ILE A 116 13.83 1.61 25.49
CA ILE A 116 14.19 2.45 26.63
C ILE A 116 15.65 2.24 27.02
N GLU A 117 16.13 1.00 26.97
CA GLU A 117 17.54 0.77 27.25
C GLU A 117 18.40 1.44 26.19
N TYR A 118 17.97 1.43 24.93
CA TYR A 118 18.72 2.12 23.89
C TYR A 118 18.74 3.61 24.13
N LEU A 119 17.63 4.17 24.61
CA LEU A 119 17.60 5.60 24.90
C LEU A 119 18.56 5.93 26.05
N VAL A 120 18.59 5.08 27.07
CA VAL A 120 19.52 5.28 28.18
C VAL A 120 20.96 5.28 27.67
N SER A 121 21.31 4.23 26.92
CA SER A 121 22.69 4.09 26.43
C SER A 121 23.07 5.23 25.50
N PHE A 122 22.18 5.60 24.59
CA PHE A 122 22.46 6.72 23.69
C PHE A 122 22.58 8.03 24.45
N GLY A 123 21.83 8.19 25.53
CA GLY A 123 21.95 9.41 26.31
C GLY A 123 23.29 9.47 27.03
N VAL A 124 23.74 8.33 27.54
CA VAL A 124 25.08 8.27 28.13
C VAL A 124 26.12 8.62 27.08
N TRP A 125 25.97 8.07 25.88
CA TRP A 125 26.94 8.30 24.82
C TRP A 125 26.98 9.76 24.40
N ILE A 126 25.82 10.39 24.27
CA ILE A 126 25.75 11.75 23.75
C ILE A 126 26.00 12.80 24.83
N ARG A 127 25.82 12.45 26.10
CA ARG A 127 26.25 13.31 27.19
C ARG A 127 27.76 13.24 27.41
N THR A 128 28.40 12.20 26.91
CA THR A 128 29.84 12.04 27.01
C THR A 128 30.53 12.90 25.95
N PRO A 129 31.68 13.50 26.27
CA PRO A 129 32.37 14.28 25.26
C PRO A 129 33.03 13.39 24.22
N PRO A 130 33.28 13.91 23.02
CA PRO A 130 33.89 13.08 21.97
C PRO A 130 35.18 12.43 22.38
N ALA A 131 36.08 13.18 23.02
CA ALA A 131 37.39 12.64 23.36
C ALA A 131 37.29 11.51 24.37
N TYR A 132 36.15 11.35 25.03
CA TYR A 132 35.98 10.33 26.05
C TYR A 132 34.94 9.29 25.68
N ARG A 133 34.30 9.42 24.52
CA ARG A 133 33.35 8.41 24.07
C ARG A 133 33.86 7.69 22.84
N PRO A 134 33.45 6.44 22.64
CA PRO A 134 33.68 5.78 21.36
C PRO A 134 33.17 6.63 20.21
N PRO A 135 33.71 6.45 19.02
CA PRO A 135 33.35 7.35 17.91
C PRO A 135 32.12 6.90 17.14
N ASN A 136 31.74 5.64 17.29
CA ASN A 136 30.55 5.10 16.63
C ASN A 136 29.44 4.97 17.66
N ALA A 137 28.30 5.56 17.37
CA ALA A 137 27.17 5.63 18.28
C ALA A 137 26.59 4.25 18.57
N PRO A 138 25.69 4.14 19.56
CA PRO A 138 24.92 2.91 19.70
C PRO A 138 23.89 2.79 18.58
N ILE A 139 23.42 1.56 18.38
CA ILE A 139 22.67 1.22 17.19
C ILE A 139 21.53 0.28 17.56
N LEU A 140 20.34 0.58 17.04
CA LEU A 140 19.17 -0.28 17.14
C LEU A 140 18.92 -0.88 15.77
N SER A 141 18.89 -2.22 15.69
CA SER A 141 18.81 -2.86 14.39
C SER A 141 18.33 -4.29 14.54
N THR A 142 17.84 -4.83 13.42
CA THR A 142 17.56 -6.25 13.24
C THR A 142 18.36 -6.82 12.08
N LEU A 143 19.50 -6.21 11.78
CA LEU A 143 20.30 -6.57 10.62
C LEU A 143 19.50 -6.42 9.33
N MET B 1 -1.72 6.03 2.33
CA MET B 1 -2.49 5.30 3.38
C MET B 1 -3.57 6.18 4.01
N ASP B 2 -4.82 5.73 3.90
CA ASP B 2 -5.96 6.44 4.47
C ASP B 2 -6.40 5.76 5.75
N ILE B 3 -6.68 6.57 6.77
CA ILE B 3 -7.06 6.08 8.09
C ILE B 3 -8.30 6.83 8.54
N ASP B 4 -9.25 6.09 9.11
CA ASP B 4 -10.42 6.68 9.71
C ASP B 4 -10.22 6.76 11.21
N PRO B 5 -10.17 7.95 11.82
CA PRO B 5 -9.87 8.02 13.26
C PRO B 5 -10.98 7.51 14.16
N TYR B 6 -12.07 6.98 13.60
CA TYR B 6 -13.14 6.42 14.39
C TYR B 6 -13.40 4.94 14.10
N LYS B 7 -13.00 4.45 12.93
CA LYS B 7 -13.15 3.04 12.62
C LYS B 7 -12.57 2.17 13.73
N GLU B 8 -11.45 2.61 14.31
CA GLU B 8 -10.87 1.93 15.45
C GLU B 8 -11.83 1.88 16.63
N PHE B 9 -12.79 2.81 16.68
CA PHE B 9 -13.70 2.92 17.80
C PHE B 9 -15.12 2.50 17.46
N GLY B 10 -15.34 1.99 16.26
CA GLY B 10 -16.65 1.51 15.88
C GLY B 10 -17.52 2.53 15.19
N ALA B 11 -16.93 3.48 14.48
CA ALA B 11 -17.69 4.50 13.79
C ALA B 11 -17.04 4.79 12.44
N THR B 12 -17.49 5.83 11.76
CA THR B 12 -16.98 6.20 10.45
C THR B 12 -17.15 7.70 10.28
N VAL B 13 -16.71 8.20 9.13
CA VAL B 13 -16.83 9.62 8.85
C VAL B 13 -18.17 9.94 8.19
N GLU B 14 -18.76 8.98 7.48
CA GLU B 14 -20.10 9.16 6.96
C GLU B 14 -21.14 9.13 8.07
N LEU B 15 -20.84 8.46 9.18
CA LEU B 15 -21.74 8.44 10.32
C LEU B 15 -21.71 9.76 11.08
N LEU B 16 -20.55 10.41 11.14
CA LEU B 16 -20.45 11.73 11.73
C LEU B 16 -20.79 12.84 10.74
N SER B 17 -20.83 12.52 9.44
CA SER B 17 -21.33 13.48 8.46
C SER B 17 -22.80 13.81 8.71
N PHE B 18 -23.51 12.94 9.42
CA PHE B 18 -24.86 13.25 9.86
C PHE B 18 -24.89 14.59 10.58
N LEU B 19 -24.13 14.70 11.66
CA LEU B 19 -24.07 15.96 12.40
C LEU B 19 -23.58 17.08 11.49
N PRO B 20 -24.20 18.25 11.53
CA PRO B 20 -23.64 19.40 10.81
C PRO B 20 -22.34 19.87 11.44
N SER B 21 -21.67 20.78 10.75
CA SER B 21 -20.41 21.33 11.24
C SER B 21 -20.62 22.37 12.32
N ASP B 22 -21.67 23.19 12.21
CA ASP B 22 -21.97 24.20 13.22
C ASP B 22 -22.63 23.61 14.46
N PHE B 23 -22.64 22.29 14.58
CA PHE B 23 -23.21 21.62 15.75
C PHE B 23 -22.19 21.47 16.87
N PHE B 24 -20.94 21.27 16.53
CA PHE B 24 -19.94 20.96 17.54
C PHE B 24 -19.56 22.22 18.32
N PRO B 25 -19.35 22.12 19.62
CA PRO B 25 -19.03 23.31 20.40
C PRO B 25 -17.64 23.83 20.11
N SER B 26 -17.28 24.93 20.77
CA SER B 26 -15.97 25.50 20.61
C SER B 26 -14.90 24.54 21.11
N VAL B 27 -13.71 24.62 20.49
CA VAL B 27 -12.59 23.85 20.99
C VAL B 27 -12.27 24.24 22.42
N ARG B 28 -12.49 25.50 22.78
CA ARG B 28 -12.30 25.94 24.15
C ARG B 28 -13.25 25.22 25.09
N ASP B 29 -14.54 25.18 24.74
CA ASP B 29 -15.51 24.45 25.54
C ASP B 29 -15.10 23.00 25.71
N LEU B 30 -14.71 22.36 24.61
CA LEU B 30 -14.36 20.95 24.65
C LEU B 30 -13.14 20.71 25.53
N LEU B 31 -12.12 21.56 25.40
CA LEU B 31 -10.93 21.41 26.22
C LEU B 31 -11.21 21.68 27.69
N ASP B 32 -12.10 22.62 27.98
CA ASP B 32 -12.44 22.91 29.37
C ASP B 32 -13.13 21.71 30.01
N THR B 33 -14.10 21.12 29.30
CA THR B 33 -14.76 19.94 29.86
C THR B 33 -13.78 18.77 29.93
N ALA B 34 -12.91 18.63 28.94
CA ALA B 34 -11.92 17.55 28.99
C ALA B 34 -11.03 17.69 30.20
N SER B 35 -10.55 18.90 30.47
CA SER B 35 -9.80 19.13 31.70
C SER B 35 -10.63 18.73 32.90
N ALA B 36 -11.73 19.43 33.13
CA ALA B 36 -12.55 19.21 34.32
C ALA B 36 -12.82 17.74 34.58
N LEU B 37 -13.04 16.95 33.53
CA LEU B 37 -13.50 15.59 33.71
C LEU B 37 -12.40 14.53 33.65
N TYR B 38 -11.27 14.82 32.97
CA TYR B 38 -10.31 13.79 32.66
C TYR B 38 -8.86 14.27 32.80
N ARG B 39 -8.64 15.36 33.55
CA ARG B 39 -7.29 15.87 33.70
C ARG B 39 -6.37 14.84 34.34
N GLU B 40 -6.79 14.28 35.48
CA GLU B 40 -5.95 13.35 36.22
C GLU B 40 -5.73 12.06 35.46
N ALA B 41 -6.57 11.73 34.49
CA ALA B 41 -6.44 10.53 33.70
C ALA B 41 -5.65 10.75 32.42
N LEU B 42 -5.70 11.94 31.87
CA LEU B 42 -4.91 12.27 30.69
C LEU B 42 -3.46 12.55 31.06
N GLU B 43 -3.24 13.23 32.18
CA GLU B 43 -1.90 13.44 32.70
C GLU B 43 -1.37 12.22 33.43
N SER B 44 -2.01 11.08 33.29
CA SER B 44 -1.61 9.87 33.99
C SER B 44 -0.68 9.03 33.13
N PRO B 45 0.21 8.25 33.76
CA PRO B 45 1.14 7.39 33.02
C PRO B 45 0.55 6.00 32.76
N GLU B 46 -0.58 5.95 32.09
CA GLU B 46 -1.30 4.69 31.94
C GLU B 46 -2.12 4.69 30.67
N HIS B 47 -2.20 3.52 30.03
CA HIS B 47 -3.14 3.30 28.93
C HIS B 47 -4.54 3.13 29.53
N CYS B 48 -5.04 4.23 30.10
CA CYS B 48 -6.33 4.17 30.76
C CYS B 48 -7.40 3.65 29.82
N SER B 49 -7.34 4.05 28.56
CA SER B 49 -8.26 3.60 27.53
C SER B 49 -7.78 4.15 26.19
N PRO B 50 -8.19 3.52 25.09
CA PRO B 50 -7.85 4.09 23.78
C PRO B 50 -8.38 5.49 23.59
N HIS B 51 -9.50 5.82 24.22
CA HIS B 51 -10.05 7.15 24.07
C HIS B 51 -9.15 8.18 24.73
N HIS B 52 -8.54 7.82 25.86
CA HIS B 52 -7.54 8.69 26.46
C HIS B 52 -6.29 8.74 25.59
N THR B 53 -5.82 7.59 25.14
CA THR B 53 -4.64 7.54 24.28
C THR B 53 -4.79 8.45 23.06
N ALA B 54 -6.01 8.60 22.56
CA ALA B 54 -6.26 9.40 21.38
C ALA B 54 -6.57 10.85 21.70
N LEU B 55 -7.26 11.09 22.82
CA LEU B 55 -7.54 12.45 23.25
C LEU B 55 -6.27 13.20 23.59
N ARG B 56 -5.31 12.51 24.22
CA ARG B 56 -4.02 13.13 24.49
C ARG B 56 -3.37 13.62 23.20
N GLN B 57 -3.34 12.76 22.18
CA GLN B 57 -2.74 13.13 20.91
C GLN B 57 -3.48 14.28 20.23
N ALA B 58 -4.81 14.25 20.25
CA ALA B 58 -5.59 15.35 19.67
C ALA B 58 -5.27 16.66 20.38
N ILE B 59 -5.21 16.64 21.71
CA ILE B 59 -4.92 17.85 22.46
C ILE B 59 -3.52 18.36 22.14
N LEU B 60 -2.56 17.44 22.00
CA LEU B 60 -1.20 17.86 21.71
C LEU B 60 -1.07 18.43 20.30
N CYS B 61 -1.80 17.87 19.34
CA CYS B 61 -1.77 18.40 17.99
C CYS B 61 -2.42 19.77 17.92
N TRP B 62 -3.53 19.97 18.64
CA TRP B 62 -4.13 21.30 18.70
C TRP B 62 -3.19 22.27 19.40
N GLY B 63 -2.44 21.80 20.39
CA GLY B 63 -1.43 22.65 21.01
C GLY B 63 -0.35 23.06 20.05
N GLU B 64 0.10 22.14 19.20
CA GLU B 64 1.07 22.48 18.18
C GLU B 64 0.51 23.49 17.19
N LEU B 65 -0.76 23.35 16.83
CA LEU B 65 -1.37 24.32 15.93
C LEU B 65 -1.47 25.70 16.59
N MET B 66 -1.79 25.74 17.88
CA MET B 66 -1.81 27.02 18.59
C MET B 66 -0.41 27.63 18.65
N THR B 67 0.60 26.79 18.86
CA THR B 67 1.97 27.27 18.84
C THR B 67 2.32 27.84 17.47
N LEU B 68 1.89 27.18 16.41
CA LEU B 68 2.10 27.70 15.06
C LEU B 68 1.42 29.05 14.88
N ALA B 69 0.19 29.18 15.37
CA ALA B 69 -0.54 30.43 15.20
C ALA B 69 0.15 31.58 15.93
N THR B 70 0.60 31.33 17.16
CA THR B 70 1.30 32.38 17.90
C THR B 70 2.66 32.69 17.26
N TRP B 71 3.35 31.66 16.79
CA TRP B 71 4.58 31.87 16.04
C TRP B 71 4.34 32.78 14.85
N VAL B 72 3.25 32.57 14.12
CA VAL B 72 2.90 33.43 13.00
C VAL B 72 2.67 34.85 13.50
N GLY B 73 1.79 35.00 14.47
CA GLY B 73 1.49 36.32 15.00
C GLY B 73 2.73 37.08 15.41
N VAL B 74 3.75 36.38 15.91
CA VAL B 74 4.99 37.03 16.29
C VAL B 74 5.82 37.38 15.06
N ASN B 75 6.05 36.40 14.18
CA ASN B 75 7.04 36.57 13.12
C ASN B 75 6.47 37.33 11.93
N LEU B 76 5.43 36.80 11.31
CA LEU B 76 4.93 37.39 10.07
C LEU B 76 4.43 38.80 10.33
N GLU B 77 5.07 39.77 9.68
CA GLU B 77 4.67 41.16 9.80
C GLU B 77 3.53 41.52 8.86
N ASP B 78 3.38 40.79 7.76
CA ASP B 78 2.34 41.07 6.78
C ASP B 78 0.97 40.70 7.36
N PRO B 79 0.14 41.69 7.73
CA PRO B 79 -1.13 41.35 8.37
C PRO B 79 -2.03 40.50 7.49
N ALA B 80 -2.08 40.78 6.19
CA ALA B 80 -2.93 40.01 5.30
C ALA B 80 -2.71 38.52 5.48
N SER B 81 -1.48 38.07 5.22
CA SER B 81 -1.20 36.64 5.26
C SER B 81 -1.20 36.10 6.68
N ARG B 82 -0.71 36.88 7.65
CA ARG B 82 -0.77 36.47 9.04
C ARG B 82 -2.20 36.11 9.44
N ASP B 83 -3.12 37.06 9.26
CA ASP B 83 -4.52 36.83 9.61
C ASP B 83 -5.13 35.71 8.78
N LEU B 84 -4.79 35.66 7.49
CA LEU B 84 -5.33 34.61 6.63
C LEU B 84 -4.98 33.24 7.18
N VAL B 85 -3.71 33.03 7.53
CA VAL B 85 -3.28 31.73 8.01
C VAL B 85 -3.89 31.41 9.36
N VAL B 86 -3.90 32.39 10.27
CA VAL B 86 -4.46 32.13 11.61
C VAL B 86 -5.93 31.78 11.50
N SER B 87 -6.67 32.50 10.67
CA SER B 87 -8.10 32.24 10.53
C SER B 87 -8.34 30.89 9.87
N TYR B 88 -7.56 30.55 8.84
CA TYR B 88 -7.67 29.23 8.26
C TYR B 88 -7.50 28.16 9.32
N VAL B 89 -6.44 28.27 10.11
CA VAL B 89 -6.21 27.30 11.19
C VAL B 89 -7.47 27.18 12.04
N ASN B 90 -7.84 28.29 12.70
CA ASN B 90 -8.86 28.23 13.73
C ASN B 90 -10.21 27.81 13.18
N THR B 91 -10.47 28.07 11.89
CA THR B 91 -11.74 27.68 11.32
C THR B 91 -11.72 26.22 10.87
N ASN B 92 -10.87 25.89 9.90
CA ASN B 92 -10.92 24.57 9.29
C ASN B 92 -10.38 23.50 10.25
N MET B 93 -9.14 23.68 10.71
CA MET B 93 -8.58 22.68 11.60
C MET B 93 -9.35 22.66 12.91
N GLY B 94 -9.91 23.81 13.29
CA GLY B 94 -10.78 23.84 14.46
C GLY B 94 -12.01 22.99 14.28
N LEU B 95 -12.62 23.03 13.09
CA LEU B 95 -13.78 22.18 12.82
C LEU B 95 -13.41 20.71 12.91
N LYS B 96 -12.31 20.33 12.27
CA LYS B 96 -11.90 18.92 12.31
C LYS B 96 -11.64 18.47 13.74
N PHE B 97 -10.91 19.28 14.51
CA PHE B 97 -10.61 18.89 15.88
C PHE B 97 -11.85 18.97 16.77
N ARG B 98 -12.82 19.80 16.41
CA ARG B 98 -14.08 19.82 17.13
C ARG B 98 -14.79 18.49 16.97
N GLN B 99 -14.97 18.05 15.73
CA GLN B 99 -15.53 16.73 15.49
C GLN B 99 -14.80 15.67 16.32
N LEU B 100 -13.47 15.65 16.22
CA LEU B 100 -12.69 14.61 16.88
C LEU B 100 -12.84 14.64 18.41
N LEU B 101 -12.54 15.79 19.01
CA LEU B 101 -12.62 15.93 20.46
C LEU B 101 -14.02 15.65 20.96
N TRP B 102 -15.04 16.11 20.23
CA TRP B 102 -16.40 15.81 20.61
C TRP B 102 -16.63 14.32 20.66
N PHE B 103 -16.26 13.61 19.59
CA PHE B 103 -16.44 12.16 19.59
C PHE B 103 -15.80 11.54 20.83
N HIS B 104 -14.55 11.89 21.10
CA HIS B 104 -13.81 11.22 22.16
C HIS B 104 -14.38 11.55 23.53
N ILE B 105 -14.62 12.83 23.81
CA ILE B 105 -15.15 13.23 25.11
C ILE B 105 -16.53 12.62 25.32
N SER B 106 -17.41 12.75 24.33
CA SER B 106 -18.75 12.21 24.45
C SER B 106 -18.72 10.71 24.70
N CYS B 107 -17.81 10.00 24.04
CA CYS B 107 -17.75 8.56 24.23
C CYS B 107 -17.26 8.23 25.63
N LEU B 108 -16.15 8.83 26.06
CA LEU B 108 -15.68 8.62 27.42
C LEU B 108 -16.78 8.89 28.43
N THR B 109 -17.59 9.93 28.20
CA THR B 109 -18.57 10.36 29.20
C THR B 109 -19.81 9.49 29.21
N PHE B 110 -20.27 9.04 28.04
CA PHE B 110 -21.57 8.38 27.93
C PHE B 110 -21.50 6.92 27.53
N GLY B 111 -20.61 6.55 26.63
CA GLY B 111 -20.62 5.24 26.03
C GLY B 111 -20.62 5.34 24.52
N ARG B 112 -19.74 4.60 23.85
CA ARG B 112 -19.71 4.65 22.39
C ARG B 112 -21.00 4.10 21.80
N GLU B 113 -21.61 3.12 22.46
CA GLU B 113 -22.93 2.65 22.08
C GLU B 113 -23.92 3.82 22.05
N THR B 114 -24.04 4.52 23.18
CA THR B 114 -24.96 5.64 23.26
C THR B 114 -24.61 6.72 22.25
N VAL B 115 -23.34 6.89 21.95
CA VAL B 115 -22.93 7.95 21.03
C VAL B 115 -23.32 7.62 19.60
N ILE B 116 -23.20 6.35 19.22
CA ILE B 116 -23.61 5.95 17.87
C ILE B 116 -25.13 6.00 17.75
N GLU B 117 -25.84 5.58 18.79
CA GLU B 117 -27.29 5.76 18.79
C GLU B 117 -27.67 7.22 18.66
N TYR B 118 -26.96 8.10 19.37
CA TYR B 118 -27.20 9.53 19.25
C TYR B 118 -26.96 10.01 17.83
N LEU B 119 -25.92 9.48 17.19
CA LEU B 119 -25.61 9.88 15.82
C LEU B 119 -26.74 9.51 14.87
N VAL B 120 -27.22 8.27 14.97
CA VAL B 120 -28.30 7.85 14.08
C VAL B 120 -29.57 8.64 14.37
N SER B 121 -29.87 8.90 15.64
CA SER B 121 -31.07 9.65 15.98
C SER B 121 -30.99 11.10 15.49
N PHE B 122 -29.82 11.72 15.64
CA PHE B 122 -29.63 13.07 15.11
C PHE B 122 -29.71 13.09 13.60
N GLY B 123 -29.27 12.02 12.93
CA GLY B 123 -29.46 11.94 11.50
C GLY B 123 -30.94 11.89 11.14
N VAL B 124 -31.71 11.07 11.85
CA VAL B 124 -33.16 11.07 11.69
C VAL B 124 -33.69 12.49 11.83
N TRP B 125 -33.30 13.17 12.91
CA TRP B 125 -33.82 14.49 13.20
C TRP B 125 -33.53 15.47 12.06
N ILE B 126 -32.26 15.55 11.65
CA ILE B 126 -31.86 16.52 10.65
C ILE B 126 -32.29 16.13 9.24
N ARG B 127 -32.66 14.86 9.01
CA ARG B 127 -33.25 14.48 7.74
C ARG B 127 -34.75 14.73 7.70
N THR B 128 -35.40 14.71 8.86
CA THR B 128 -36.84 14.92 8.90
C THR B 128 -37.16 16.32 8.36
N PRO B 129 -38.19 16.46 7.54
CA PRO B 129 -38.59 17.79 7.10
C PRO B 129 -38.94 18.66 8.29
N PRO B 130 -38.73 19.97 8.18
CA PRO B 130 -38.94 20.84 9.35
C PRO B 130 -40.36 20.78 9.89
N ALA B 131 -41.36 20.78 9.00
CA ALA B 131 -42.75 20.83 9.43
C ALA B 131 -43.10 19.71 10.39
N TYR B 132 -42.31 18.64 10.43
CA TYR B 132 -42.61 17.49 11.27
C TYR B 132 -41.50 17.12 12.23
N ARG B 133 -40.39 17.88 12.26
CA ARG B 133 -39.31 17.48 13.15
C ARG B 133 -39.37 18.32 14.42
N PRO B 134 -39.30 17.70 15.59
CA PRO B 134 -39.46 18.45 16.84
C PRO B 134 -38.37 19.50 16.98
N PRO B 135 -38.63 20.56 17.74
CA PRO B 135 -37.56 21.51 18.05
C PRO B 135 -36.57 20.98 19.06
N ASN B 136 -36.98 20.02 19.90
CA ASN B 136 -36.11 19.44 20.91
C ASN B 136 -35.19 18.45 20.22
N ALA B 137 -34.13 18.98 19.61
CA ALA B 137 -33.10 18.16 19.00
C ALA B 137 -32.64 17.10 19.98
N PRO B 138 -32.14 15.97 19.51
CA PRO B 138 -31.64 14.96 20.45
C PRO B 138 -30.46 15.50 21.23
N ILE B 139 -30.44 15.21 22.52
CA ILE B 139 -29.41 15.70 23.43
C ILE B 139 -28.85 14.53 24.21
N LEU B 140 -27.53 14.48 24.33
CA LEU B 140 -26.87 13.47 25.13
C LEU B 140 -26.95 13.85 26.60
N SER B 141 -27.29 12.88 27.44
CA SER B 141 -27.55 13.16 28.84
C SER B 141 -27.27 11.94 29.69
N THR B 142 -26.65 12.17 30.86
CA THR B 142 -26.47 11.15 31.88
C THR B 142 -27.64 11.11 32.86
N LEU B 143 -28.44 12.16 32.89
CA LEU B 143 -29.51 12.32 33.87
C LEU B 143 -30.79 11.64 33.39
N MET C 1 -10.93 -6.50 -12.41
CA MET C 1 -10.27 -7.17 -11.25
C MET C 1 -8.99 -6.46 -10.83
N ASP C 2 -8.63 -6.61 -9.56
CA ASP C 2 -7.43 -6.03 -9.00
C ASP C 2 -6.69 -7.13 -8.25
N ILE C 3 -5.70 -7.74 -8.92
CA ILE C 3 -4.93 -8.84 -8.37
C ILE C 3 -3.58 -8.31 -7.92
N ASP C 4 -3.09 -8.84 -6.80
CA ASP C 4 -1.76 -8.53 -6.31
C ASP C 4 -0.86 -9.74 -6.53
N PRO C 5 0.19 -9.64 -7.35
CA PRO C 5 0.98 -10.83 -7.69
C PRO C 5 1.74 -11.43 -6.52
N TYR C 6 1.82 -10.75 -5.38
CA TYR C 6 2.54 -11.29 -4.23
C TYR C 6 1.63 -11.60 -3.04
N LYS C 7 0.43 -11.03 -2.99
CA LYS C 7 -0.49 -11.29 -1.91
C LYS C 7 -0.64 -12.79 -1.65
N GLU C 8 -0.76 -13.57 -2.72
CA GLU C 8 -0.82 -15.02 -2.61
C GLU C 8 0.42 -15.61 -1.95
N PHE C 9 1.51 -14.85 -1.88
CA PHE C 9 2.77 -15.34 -1.36
C PHE C 9 3.16 -14.69 -0.04
N GLY C 10 2.46 -13.66 0.40
CA GLY C 10 2.72 -13.01 1.66
C GLY C 10 3.36 -11.64 1.57
N ALA C 11 3.40 -11.04 0.40
CA ALA C 11 4.04 -9.74 0.19
C ALA C 11 3.05 -8.80 -0.49
N THR C 12 3.55 -7.62 -0.88
CA THR C 12 2.75 -6.62 -1.56
C THR C 12 3.67 -5.75 -2.41
N VAL C 13 3.07 -5.06 -3.37
CA VAL C 13 3.85 -4.14 -4.18
C VAL C 13 4.31 -2.97 -3.34
N GLU C 14 3.54 -2.58 -2.33
CA GLU C 14 4.00 -1.55 -1.41
C GLU C 14 5.22 -2.03 -0.62
N LEU C 15 5.20 -3.28 -0.18
CA LEU C 15 6.33 -3.81 0.57
C LEU C 15 7.57 -3.92 -0.30
N LEU C 16 7.40 -4.29 -1.57
CA LEU C 16 8.57 -4.40 -2.44
C LEU C 16 9.02 -3.04 -2.96
N SER C 17 8.16 -2.04 -2.94
CA SER C 17 8.59 -0.67 -3.20
C SER C 17 9.28 -0.05 -2.00
N PHE C 18 9.27 -0.72 -0.85
CA PHE C 18 10.09 -0.29 0.27
C PHE C 18 11.56 -0.25 -0.10
N LEU C 19 11.95 -0.94 -1.14
CA LEU C 19 13.29 -0.93 -1.68
C LEU C 19 13.35 -0.06 -2.93
N PRO C 20 14.49 0.56 -3.21
CA PRO C 20 14.60 1.36 -4.43
C PRO C 20 14.62 0.48 -5.67
N SER C 21 14.36 1.12 -6.80
CA SER C 21 14.39 0.44 -8.08
C SER C 21 15.80 0.19 -8.57
N ASP C 22 16.79 0.86 -7.98
CA ASP C 22 18.19 0.66 -8.31
C ASP C 22 18.81 -0.49 -7.53
N PHE C 23 18.01 -1.26 -6.80
CA PHE C 23 18.49 -2.40 -6.05
C PHE C 23 18.30 -3.72 -6.78
N PHE C 24 17.42 -3.77 -7.77
CA PHE C 24 17.05 -5.05 -8.35
C PHE C 24 17.93 -5.36 -9.55
N PRO C 25 18.42 -6.59 -9.67
CA PRO C 25 19.36 -6.90 -10.75
C PRO C 25 18.65 -7.08 -12.08
N SER C 26 19.43 -6.92 -13.15
CA SER C 26 18.87 -6.91 -14.48
C SER C 26 18.14 -8.22 -14.78
N VAL C 27 17.22 -8.12 -15.74
CA VAL C 27 16.42 -9.29 -16.10
C VAL C 27 17.30 -10.39 -16.67
N ARG C 28 18.35 -10.02 -17.42
CA ARG C 28 19.24 -11.02 -17.97
C ARG C 28 19.96 -11.78 -16.86
N ASP C 29 20.47 -11.05 -15.86
CA ASP C 29 21.11 -11.69 -14.72
C ASP C 29 20.13 -12.59 -13.99
N LEU C 30 18.90 -12.14 -13.79
CA LEU C 30 17.94 -12.94 -13.03
C LEU C 30 17.52 -14.18 -13.81
N LEU C 31 17.38 -14.07 -15.13
CA LEU C 31 17.04 -15.24 -15.93
C LEU C 31 18.20 -16.23 -16.00
N ASP C 32 19.43 -15.73 -16.07
CA ASP C 32 20.58 -16.63 -15.96
C ASP C 32 20.56 -17.38 -14.64
N THR C 33 20.31 -16.65 -13.54
CA THR C 33 20.20 -17.28 -12.23
C THR C 33 19.12 -18.35 -12.24
N ALA C 34 17.95 -18.02 -12.78
CA ALA C 34 16.84 -18.96 -12.79
C ALA C 34 17.20 -20.22 -13.57
N SER C 35 17.74 -20.05 -14.78
CA SER C 35 18.21 -21.20 -15.53
C SER C 35 19.13 -22.03 -14.65
N ALA C 36 20.27 -21.45 -14.28
CA ALA C 36 21.29 -22.18 -13.53
C ALA C 36 20.71 -22.98 -12.38
N LEU C 37 19.82 -22.38 -11.59
CA LEU C 37 19.42 -23.00 -10.35
C LEU C 37 18.16 -23.85 -10.45
N TYR C 38 17.26 -23.59 -11.41
CA TYR C 38 15.97 -24.27 -11.44
C TYR C 38 15.53 -24.61 -12.85
N ARG C 39 16.46 -24.85 -13.78
CA ARG C 39 16.04 -25.14 -15.15
C ARG C 39 15.22 -26.41 -15.21
N GLU C 40 15.75 -27.51 -14.68
CA GLU C 40 15.06 -28.79 -14.77
C GLU C 40 13.80 -28.83 -13.93
N ALA C 41 13.63 -27.91 -12.99
CA ALA C 41 12.41 -27.81 -12.21
C ALA C 41 11.35 -26.98 -12.90
N LEU C 42 11.75 -25.90 -13.57
CA LEU C 42 10.79 -25.09 -14.31
C LEU C 42 10.34 -25.78 -15.58
N GLU C 43 11.22 -26.56 -16.21
CA GLU C 43 10.85 -27.36 -17.37
C GLU C 43 10.21 -28.68 -16.99
N SER C 44 10.00 -28.93 -15.72
CA SER C 44 9.44 -30.19 -15.27
C SER C 44 7.93 -30.23 -15.48
N PRO C 45 7.35 -31.43 -15.62
CA PRO C 45 5.90 -31.58 -15.74
C PRO C 45 5.20 -31.69 -14.39
N GLU C 46 5.52 -30.80 -13.47
CA GLU C 46 5.04 -30.90 -12.10
C GLU C 46 4.80 -29.51 -11.52
N HIS C 47 3.79 -29.41 -10.67
CA HIS C 47 3.63 -28.23 -9.83
C HIS C 47 4.66 -28.29 -8.71
N CYS C 48 5.93 -28.10 -9.03
CA CYS C 48 6.96 -28.24 -8.01
C CYS C 48 6.72 -27.29 -6.86
N SER C 49 6.16 -26.11 -7.14
CA SER C 49 5.79 -25.16 -6.10
C SER C 49 5.06 -23.97 -6.74
N PRO C 50 4.22 -23.27 -5.99
CA PRO C 50 3.59 -22.07 -6.54
C PRO C 50 4.59 -21.05 -7.02
N HIS C 51 5.75 -20.97 -6.38
CA HIS C 51 6.80 -20.09 -6.86
C HIS C 51 7.31 -20.54 -8.21
N HIS C 52 7.41 -21.85 -8.42
CA HIS C 52 7.80 -22.36 -9.72
C HIS C 52 6.77 -22.01 -10.78
N THR C 53 5.49 -22.20 -10.46
CA THR C 53 4.42 -21.84 -11.38
C THR C 53 4.52 -20.37 -11.77
N ALA C 54 4.54 -19.48 -10.78
CA ALA C 54 4.59 -18.06 -11.04
C ALA C 54 5.84 -17.67 -11.83
N LEU C 55 6.97 -18.29 -11.52
CA LEU C 55 8.20 -17.99 -12.23
C LEU C 55 8.13 -18.42 -13.68
N ARG C 56 7.55 -19.59 -13.93
CA ARG C 56 7.34 -20.03 -15.32
C ARG C 56 6.50 -19.01 -16.08
N GLN C 57 5.39 -18.57 -15.47
CA GLN C 57 4.51 -17.65 -16.16
C GLN C 57 5.17 -16.30 -16.40
N ALA C 58 5.96 -15.84 -15.44
CA ALA C 58 6.66 -14.57 -15.61
C ALA C 58 7.71 -14.67 -16.71
N ILE C 59 8.46 -15.77 -16.73
CA ILE C 59 9.42 -16.01 -17.80
C ILE C 59 8.74 -15.97 -19.15
N LEU C 60 7.57 -16.59 -19.25
CA LEU C 60 6.86 -16.63 -20.52
C LEU C 60 6.35 -15.25 -20.94
N CYS C 61 5.82 -14.48 -19.98
CA CYS C 61 5.37 -13.13 -20.30
C CYS C 61 6.53 -12.26 -20.76
N TRP C 62 7.69 -12.37 -20.11
CA TRP C 62 8.84 -11.58 -20.54
C TRP C 62 9.32 -12.02 -21.91
N GLY C 63 9.27 -13.32 -22.18
CA GLY C 63 9.57 -13.79 -23.52
C GLY C 63 8.66 -13.18 -24.56
N GLU C 64 7.38 -13.06 -24.24
CA GLU C 64 6.44 -12.45 -25.18
C GLU C 64 6.74 -10.97 -25.38
N LEU C 65 7.09 -10.27 -24.30
CA LEU C 65 7.45 -8.86 -24.43
C LEU C 65 8.69 -8.68 -25.29
N MET C 66 9.66 -9.58 -25.16
CA MET C 66 10.86 -9.48 -26.00
C MET C 66 10.56 -9.83 -27.44
N THR C 67 9.70 -10.82 -27.66
CA THR C 67 9.21 -11.09 -29.00
C THR C 67 8.58 -9.84 -29.61
N LEU C 68 7.79 -9.13 -28.82
CA LEU C 68 7.21 -7.87 -29.28
C LEU C 68 8.28 -6.86 -29.61
N ALA C 69 9.31 -6.76 -28.77
CA ALA C 69 10.37 -5.79 -29.03
C ALA C 69 11.07 -6.07 -30.36
N THR C 70 11.40 -7.34 -30.61
CA THR C 70 12.00 -7.69 -31.89
C THR C 70 11.06 -7.38 -33.04
N TRP C 71 9.81 -7.86 -32.95
CA TRP C 71 8.82 -7.59 -33.98
C TRP C 71 8.72 -6.10 -34.29
N VAL C 72 8.75 -5.27 -33.24
CA VAL C 72 8.63 -3.83 -33.45
C VAL C 72 9.86 -3.30 -34.17
N GLY C 73 11.04 -3.53 -33.59
CA GLY C 73 12.25 -3.07 -34.24
C GLY C 73 12.34 -3.48 -35.69
N VAL C 74 11.73 -4.60 -36.05
CA VAL C 74 11.80 -5.06 -37.43
C VAL C 74 10.74 -4.39 -38.29
N ASN C 75 9.46 -4.63 -37.97
CA ASN C 75 8.38 -4.13 -38.80
C ASN C 75 8.29 -2.60 -38.72
N LEU C 76 8.10 -2.07 -37.52
CA LEU C 76 7.98 -0.63 -37.33
C LEU C 76 9.25 0.08 -37.78
N GLU C 77 9.15 0.87 -38.85
CA GLU C 77 10.32 1.54 -39.41
C GLU C 77 10.64 2.85 -38.71
N ASP C 78 9.68 3.49 -38.08
CA ASP C 78 9.90 4.81 -37.49
C ASP C 78 10.89 4.71 -36.35
N PRO C 79 12.12 5.23 -36.50
CA PRO C 79 13.10 5.10 -35.41
C PRO C 79 12.62 5.69 -34.10
N ALA C 80 12.02 6.88 -34.13
CA ALA C 80 11.55 7.50 -32.89
C ALA C 80 10.56 6.60 -32.16
N SER C 81 9.58 6.08 -32.87
CA SER C 81 8.55 5.27 -32.23
C SER C 81 9.11 3.95 -31.72
N ARG C 82 9.95 3.28 -32.52
CA ARG C 82 10.55 2.05 -32.03
C ARG C 82 11.42 2.31 -30.81
N ASP C 83 12.18 3.41 -30.83
CA ASP C 83 12.97 3.77 -29.66
C ASP C 83 12.09 3.92 -28.44
N LEU C 84 11.04 4.74 -28.54
CA LEU C 84 10.21 5.03 -27.38
C LEU C 84 9.55 3.76 -26.86
N VAL C 85 9.05 2.90 -27.76
CA VAL C 85 8.32 1.72 -27.32
C VAL C 85 9.27 0.71 -26.68
N VAL C 86 10.42 0.46 -27.31
CA VAL C 86 11.38 -0.48 -26.73
C VAL C 86 11.89 0.04 -25.40
N SER C 87 12.13 1.34 -25.31
CA SER C 87 12.61 1.91 -24.05
C SER C 87 11.58 1.78 -22.95
N TYR C 88 10.31 2.09 -23.25
CA TYR C 88 9.27 1.92 -22.25
C TYR C 88 9.21 0.47 -21.80
N VAL C 89 9.14 -0.46 -22.75
CA VAL C 89 9.08 -1.87 -22.40
C VAL C 89 10.22 -2.20 -21.45
N ASN C 90 11.46 -2.08 -21.94
CA ASN C 90 12.62 -2.42 -21.14
C ASN C 90 12.55 -1.77 -19.78
N THR C 91 12.59 -0.44 -19.71
CA THR C 91 12.68 0.24 -18.42
C THR C 91 11.54 -0.18 -17.49
N ASN C 92 10.31 0.13 -17.86
CA ASN C 92 9.20 -0.04 -16.93
C ASN C 92 8.92 -1.51 -16.64
N MET C 93 8.60 -2.28 -17.68
CA MET C 93 8.31 -3.68 -17.45
C MET C 93 9.51 -4.42 -16.91
N GLY C 94 10.71 -3.85 -17.01
CA GLY C 94 11.88 -4.48 -16.47
C GLY C 94 11.96 -4.22 -15.00
N LEU C 95 11.64 -3.02 -14.55
CA LEU C 95 11.51 -2.80 -13.12
C LEU C 95 10.50 -3.78 -12.53
N LYS C 96 9.34 -3.88 -13.17
CA LYS C 96 8.29 -4.78 -12.68
C LYS C 96 8.78 -6.22 -12.62
N PHE C 97 9.30 -6.74 -13.73
CA PHE C 97 9.71 -8.12 -13.80
C PHE C 97 10.96 -8.39 -12.97
N ARG C 98 11.81 -7.38 -12.78
CA ARG C 98 12.94 -7.51 -11.88
C ARG C 98 12.46 -7.73 -10.46
N GLN C 99 11.55 -6.90 -9.99
CA GLN C 99 10.96 -7.13 -8.68
C GLN C 99 10.36 -8.52 -8.58
N LEU C 100 9.59 -8.91 -9.59
CA LEU C 100 8.88 -10.19 -9.55
C LEU C 100 9.85 -11.36 -9.48
N LEU C 101 10.75 -11.44 -10.46
CA LEU C 101 11.69 -12.56 -10.54
C LEU C 101 12.63 -12.58 -9.35
N TRP C 102 13.11 -11.41 -8.92
CA TRP C 102 13.87 -11.34 -7.69
C TRP C 102 13.10 -11.99 -6.55
N PHE C 103 11.86 -11.55 -6.32
CA PHE C 103 11.07 -12.12 -5.23
C PHE C 103 11.01 -13.63 -5.34
N HIS C 104 10.71 -14.15 -6.53
CA HIS C 104 10.46 -15.58 -6.66
C HIS C 104 11.73 -16.39 -6.47
N ILE C 105 12.79 -16.04 -7.22
CA ILE C 105 14.07 -16.72 -7.07
C ILE C 105 14.55 -16.66 -5.63
N SER C 106 14.51 -15.48 -5.03
CA SER C 106 15.00 -15.31 -3.67
C SER C 106 14.19 -16.13 -2.68
N CYS C 107 12.87 -16.15 -2.83
CA CYS C 107 12.05 -16.93 -1.91
C CYS C 107 12.38 -18.41 -2.06
N LEU C 108 12.43 -18.91 -3.30
CA LEU C 108 12.79 -20.30 -3.52
C LEU C 108 14.14 -20.63 -2.88
N THR C 109 15.11 -19.74 -3.03
CA THR C 109 16.47 -20.03 -2.59
C THR C 109 16.65 -19.89 -1.09
N PHE C 110 15.93 -19.00 -0.44
CA PHE C 110 16.15 -18.67 0.96
C PHE C 110 14.97 -18.99 1.85
N GLY C 111 13.77 -18.53 1.51
CA GLY C 111 12.64 -18.63 2.39
C GLY C 111 11.78 -17.38 2.36
N ARG C 112 10.46 -17.54 2.43
CA ARG C 112 9.59 -16.38 2.48
C ARG C 112 9.87 -15.55 3.72
N GLU C 113 10.03 -16.21 4.87
CA GLU C 113 10.39 -15.51 6.10
C GLU C 113 11.63 -14.65 5.87
N THR C 114 12.70 -15.28 5.39
CA THR C 114 13.96 -14.58 5.18
C THR C 114 13.79 -13.40 4.23
N VAL C 115 13.09 -13.62 3.11
CA VAL C 115 13.04 -12.58 2.08
C VAL C 115 12.17 -11.41 2.51
N ILE C 116 11.09 -11.68 3.24
CA ILE C 116 10.26 -10.58 3.74
C ILE C 116 11.00 -9.80 4.81
N GLU C 117 11.63 -10.51 5.75
CA GLU C 117 12.43 -9.82 6.76
C GLU C 117 13.56 -9.02 6.11
N TYR C 118 14.10 -9.52 5.00
CA TYR C 118 15.16 -8.80 4.30
C TYR C 118 14.62 -7.53 3.64
N LEU C 119 13.45 -7.62 3.02
CA LEU C 119 12.83 -6.41 2.48
C LEU C 119 12.67 -5.35 3.57
N VAL C 120 12.07 -5.75 4.69
CA VAL C 120 11.88 -4.82 5.80
C VAL C 120 13.22 -4.22 6.23
N SER C 121 14.19 -5.09 6.51
CA SER C 121 15.46 -4.64 7.06
C SER C 121 16.18 -3.71 6.10
N PHE C 122 16.22 -4.05 4.82
CA PHE C 122 16.93 -3.21 3.85
C PHE C 122 16.21 -1.88 3.66
N GLY C 123 14.87 -1.88 3.71
CA GLY C 123 14.17 -0.61 3.61
C GLY C 123 14.47 0.31 4.77
N VAL C 124 14.36 -0.23 5.99
CA VAL C 124 14.72 0.55 7.17
C VAL C 124 16.15 1.03 7.08
N TRP C 125 17.07 0.14 6.68
CA TRP C 125 18.48 0.50 6.57
C TRP C 125 18.69 1.67 5.62
N ILE C 126 18.08 1.60 4.43
CA ILE C 126 18.31 2.64 3.43
C ILE C 126 17.55 3.92 3.73
N ARG C 127 16.55 3.86 4.62
CA ARG C 127 15.89 5.08 5.07
C ARG C 127 16.54 5.67 6.32
N THR C 128 17.33 4.90 7.03
CA THR C 128 17.99 5.34 8.24
C THR C 128 19.18 6.24 7.92
N PRO C 129 19.49 7.19 8.80
CA PRO C 129 20.72 7.96 8.63
C PRO C 129 21.93 7.06 8.73
N PRO C 130 23.02 7.40 8.03
CA PRO C 130 24.16 6.48 7.99
C PRO C 130 24.87 6.31 9.31
N ALA C 131 25.02 7.39 10.07
CA ALA C 131 25.84 7.35 11.28
C ALA C 131 25.24 6.52 12.39
N TYR C 132 23.99 6.06 12.24
CA TYR C 132 23.30 5.32 13.29
C TYR C 132 22.80 3.97 12.78
N ARG C 133 23.38 3.46 11.70
CA ARG C 133 23.06 2.15 11.16
C ARG C 133 24.35 1.36 10.98
N PRO C 134 24.25 0.04 10.86
CA PRO C 134 25.41 -0.74 10.49
C PRO C 134 26.00 -0.22 9.19
N PRO C 135 27.31 -0.34 9.01
CA PRO C 135 27.94 0.36 7.89
C PRO C 135 27.84 -0.39 6.58
N ASN C 136 27.71 -1.70 6.66
CA ASN C 136 27.66 -2.56 5.48
C ASN C 136 26.23 -2.92 5.17
N ALA C 137 25.80 -2.65 3.93
CA ALA C 137 24.44 -2.92 3.55
C ALA C 137 24.07 -4.38 3.81
N PRO C 138 22.79 -4.68 4.06
CA PRO C 138 22.41 -6.07 4.27
C PRO C 138 22.54 -6.89 3.00
N ILE C 139 22.92 -8.15 3.17
CA ILE C 139 23.08 -9.07 2.06
C ILE C 139 22.33 -10.34 2.39
N LEU C 140 21.78 -10.96 1.35
CA LEU C 140 21.00 -12.17 1.47
C LEU C 140 21.89 -13.34 1.05
N SER C 141 22.33 -14.14 2.01
CA SER C 141 23.38 -15.12 1.81
C SER C 141 22.94 -16.49 2.32
N THR C 142 23.57 -17.52 1.74
CA THR C 142 23.34 -18.91 2.10
C THR C 142 24.29 -19.42 3.16
N LEU C 143 25.58 -19.08 3.04
CA LEU C 143 26.60 -19.55 3.96
C LEU C 143 26.27 -19.26 5.41
N MET D 1 15.64 -21.55 -22.00
CA MET D 1 14.79 -22.16 -20.94
C MET D 1 13.38 -22.31 -21.45
N ASP D 2 13.18 -23.07 -22.53
CA ASP D 2 11.85 -23.19 -23.13
C ASP D 2 10.88 -23.87 -22.18
N ILE D 3 9.75 -23.21 -21.92
CA ILE D 3 8.74 -23.75 -20.99
C ILE D 3 7.38 -23.90 -21.65
N ASP D 4 6.74 -25.07 -21.50
CA ASP D 4 5.39 -25.28 -21.99
C ASP D 4 4.39 -24.92 -20.91
N PRO D 5 3.56 -23.90 -21.10
CA PRO D 5 2.71 -23.43 -19.99
C PRO D 5 1.72 -24.46 -19.50
N TYR D 6 1.54 -25.57 -20.21
CA TYR D 6 0.54 -26.57 -19.87
C TYR D 6 1.15 -27.88 -19.41
N LYS D 7 2.45 -28.08 -19.65
CA LYS D 7 3.12 -29.31 -19.22
C LYS D 7 2.99 -29.49 -17.71
N GLU D 8 2.97 -28.38 -16.98
CA GLU D 8 2.85 -28.43 -15.52
C GLU D 8 1.49 -28.96 -15.09
N PHE D 9 0.52 -29.04 -16.01
CA PHE D 9 -0.82 -29.49 -15.69
C PHE D 9 -1.19 -30.81 -16.37
N GLY D 10 -0.59 -31.11 -17.51
CA GLY D 10 -0.84 -32.39 -18.16
C GLY D 10 -1.17 -32.28 -19.64
N ALA D 11 -0.91 -31.12 -20.22
CA ALA D 11 -1.13 -30.88 -21.64
C ALA D 11 0.16 -30.35 -22.27
N THR D 12 0.03 -29.90 -23.50
CA THR D 12 1.16 -29.34 -24.23
C THR D 12 0.61 -28.61 -25.44
N VAL D 13 1.43 -27.72 -26.00
CA VAL D 13 0.97 -26.89 -27.10
C VAL D 13 0.58 -27.73 -28.30
N GLU D 14 1.13 -28.94 -28.41
CA GLU D 14 0.73 -29.83 -29.49
C GLU D 14 -0.72 -30.26 -29.31
N LEU D 15 -1.10 -30.60 -28.08
CA LEU D 15 -2.45 -31.08 -27.80
C LEU D 15 -3.49 -29.98 -27.96
N LEU D 16 -3.10 -28.72 -27.82
CA LEU D 16 -4.01 -27.60 -27.98
C LEU D 16 -3.97 -26.99 -29.38
N SER D 17 -2.94 -27.30 -30.17
CA SER D 17 -2.96 -26.95 -31.58
C SER D 17 -4.03 -27.72 -32.33
N PHE D 18 -4.53 -28.82 -31.76
CA PHE D 18 -5.74 -29.46 -32.28
C PHE D 18 -6.82 -28.43 -32.54
N LEU D 19 -7.23 -27.72 -31.49
CA LEU D 19 -8.20 -26.66 -31.66
C LEU D 19 -7.64 -25.59 -32.59
N PRO D 20 -8.44 -25.08 -33.52
CA PRO D 20 -7.97 -23.98 -34.36
C PRO D 20 -7.81 -22.69 -33.58
N SER D 21 -7.43 -21.62 -34.29
CA SER D 21 -7.35 -20.31 -33.67
C SER D 21 -8.68 -19.59 -33.70
N ASP D 22 -9.53 -19.92 -34.67
CA ASP D 22 -10.89 -19.38 -34.73
C ASP D 22 -11.79 -19.94 -33.65
N PHE D 23 -11.33 -20.91 -32.87
CA PHE D 23 -12.17 -21.55 -31.88
C PHE D 23 -12.24 -20.75 -30.59
N PHE D 24 -11.14 -20.18 -30.18
CA PHE D 24 -11.06 -19.61 -28.84
C PHE D 24 -11.83 -18.30 -28.75
N PRO D 25 -12.54 -18.06 -27.65
CA PRO D 25 -13.42 -16.90 -27.59
C PRO D 25 -12.66 -15.59 -27.49
N SER D 26 -13.40 -14.51 -27.32
CA SER D 26 -12.78 -13.21 -27.06
C SER D 26 -12.13 -13.21 -25.69
N VAL D 27 -10.99 -12.53 -25.59
CA VAL D 27 -10.32 -12.43 -24.30
C VAL D 27 -11.17 -11.63 -23.33
N ARG D 28 -11.96 -10.68 -23.85
CA ARG D 28 -12.90 -9.98 -23.00
C ARG D 28 -13.93 -10.94 -22.40
N ASP D 29 -14.52 -11.80 -23.23
CA ASP D 29 -15.44 -12.81 -22.73
C ASP D 29 -14.78 -13.70 -21.70
N LEU D 30 -13.52 -14.10 -21.95
CA LEU D 30 -12.85 -15.00 -21.02
C LEU D 30 -12.57 -14.34 -19.68
N LEU D 31 -12.17 -13.06 -19.70
CA LEU D 31 -11.99 -12.34 -18.44
C LEU D 31 -13.31 -12.12 -17.73
N ASP D 32 -14.40 -11.91 -18.48
CA ASP D 32 -15.71 -11.81 -17.86
C ASP D 32 -16.07 -13.10 -17.14
N THR D 33 -15.83 -14.24 -17.79
CA THR D 33 -16.10 -15.53 -17.15
C THR D 33 -15.23 -15.73 -15.92
N ALA D 34 -13.94 -15.39 -16.04
CA ALA D 34 -13.04 -15.48 -14.91
C ALA D 34 -13.56 -14.66 -13.73
N SER D 35 -13.93 -13.40 -13.98
CA SER D 35 -14.52 -12.58 -12.95
C SER D 35 -15.68 -13.35 -12.33
N ALA D 36 -16.70 -13.59 -13.14
CA ALA D 36 -17.92 -14.23 -12.70
C ALA D 36 -17.68 -15.40 -11.75
N LEU D 37 -16.76 -16.29 -12.12
CA LEU D 37 -16.67 -17.57 -11.43
C LEU D 37 -15.56 -17.67 -10.40
N TYR D 38 -14.52 -16.82 -10.48
CA TYR D 38 -13.38 -16.99 -9.60
C TYR D 38 -12.82 -15.65 -9.12
N ARG D 39 -13.65 -14.59 -9.10
CA ARG D 39 -13.15 -13.33 -8.55
C ARG D 39 -12.67 -13.50 -7.12
N GLU D 40 -13.47 -14.13 -6.28
CA GLU D 40 -13.13 -14.28 -4.87
C GLU D 40 -11.91 -15.17 -4.68
N ALA D 41 -11.69 -16.13 -5.58
CA ALA D 41 -10.57 -17.05 -5.43
C ALA D 41 -9.28 -16.45 -5.96
N LEU D 42 -9.37 -15.63 -7.01
CA LEU D 42 -8.16 -15.02 -7.55
C LEU D 42 -7.73 -13.82 -6.74
N GLU D 43 -8.68 -13.06 -6.20
CA GLU D 43 -8.38 -11.97 -5.29
C GLU D 43 -8.12 -12.43 -3.87
N SER D 44 -7.93 -13.73 -3.66
CA SER D 44 -7.74 -14.29 -2.34
C SER D 44 -6.26 -14.45 -2.02
N PRO D 45 -5.87 -14.33 -0.75
CA PRO D 45 -4.47 -14.52 -0.35
C PRO D 45 -4.12 -15.98 -0.07
N GLU D 46 -4.44 -16.86 -1.01
CA GLU D 46 -4.27 -18.29 -0.83
C GLU D 46 -3.84 -18.94 -2.13
N HIS D 47 -2.94 -19.92 -2.01
CA HIS D 47 -2.61 -20.77 -3.15
C HIS D 47 -3.77 -21.71 -3.41
N CYS D 48 -4.91 -21.18 -3.85
CA CYS D 48 -6.08 -22.02 -4.03
C CYS D 48 -5.78 -23.17 -4.97
N SER D 49 -4.99 -22.92 -6.00
CA SER D 49 -4.64 -23.96 -6.95
C SER D 49 -3.58 -23.46 -7.93
N PRO D 50 -2.81 -24.35 -8.54
CA PRO D 50 -1.89 -23.92 -9.58
C PRO D 50 -2.59 -23.23 -10.74
N HIS D 51 -3.78 -23.70 -11.09
CA HIS D 51 -4.58 -23.01 -12.09
C HIS D 51 -4.87 -21.58 -11.66
N HIS D 52 -5.16 -21.39 -10.38
CA HIS D 52 -5.43 -20.05 -9.88
C HIS D 52 -4.21 -19.17 -10.00
N THR D 53 -3.06 -19.64 -9.53
CA THR D 53 -1.82 -18.89 -9.66
C THR D 53 -1.56 -18.50 -11.12
N ALA D 54 -1.61 -19.48 -12.01
CA ALA D 54 -1.32 -19.22 -13.42
C ALA D 54 -2.31 -18.23 -14.01
N LEU D 55 -3.58 -18.34 -13.64
CA LEU D 55 -4.58 -17.41 -14.18
C LEU D 55 -4.34 -16.00 -13.68
N ARG D 56 -3.97 -15.85 -12.41
CA ARG D 56 -3.60 -14.54 -11.90
C ARG D 56 -2.47 -13.94 -12.73
N GLN D 57 -1.42 -14.72 -12.95
CA GLN D 57 -0.28 -14.21 -13.70
C GLN D 57 -0.65 -13.86 -15.15
N ALA D 58 -1.51 -14.66 -15.77
CA ALA D 58 -1.95 -14.37 -17.13
C ALA D 58 -2.75 -13.07 -17.19
N ILE D 59 -3.69 -12.92 -16.27
CA ILE D 59 -4.49 -11.68 -16.22
C ILE D 59 -3.57 -10.48 -16.02
N LEU D 60 -2.56 -10.63 -15.17
CA LEU D 60 -1.67 -9.50 -14.89
C LEU D 60 -0.82 -9.15 -16.12
N CYS D 61 -0.33 -10.16 -16.83
CA CYS D 61 0.44 -9.87 -18.03
C CYS D 61 -0.43 -9.23 -19.10
N TRP D 62 -1.68 -9.68 -19.25
CA TRP D 62 -2.57 -9.03 -20.20
C TRP D 62 -2.85 -7.59 -19.79
N GLY D 63 -2.97 -7.34 -18.49
CA GLY D 63 -3.13 -5.96 -18.03
C GLY D 63 -1.91 -5.11 -18.34
N GLU D 64 -0.72 -5.68 -18.19
CA GLU D 64 0.50 -4.97 -18.59
C GLU D 64 0.45 -4.62 -20.07
N LEU D 65 0.01 -5.56 -20.91
CA LEU D 65 -0.07 -5.28 -22.34
C LEU D 65 -1.13 -4.22 -22.64
N MET D 66 -2.23 -4.22 -21.90
CA MET D 66 -3.25 -3.18 -22.08
C MET D 66 -2.69 -1.81 -21.73
N THR D 67 -1.95 -1.73 -20.62
CA THR D 67 -1.32 -0.47 -20.26
C THR D 67 -0.31 -0.05 -21.33
N LEU D 68 0.40 -1.01 -21.91
CA LEU D 68 1.29 -0.70 -23.02
C LEU D 68 0.53 -0.10 -24.18
N ALA D 69 -0.61 -0.69 -24.53
CA ALA D 69 -1.39 -0.18 -25.65
C ALA D 69 -1.88 1.24 -25.39
N THR D 70 -2.38 1.49 -24.17
CA THR D 70 -2.82 2.84 -23.83
C THR D 70 -1.67 3.84 -23.89
N TRP D 71 -0.54 3.48 -23.28
CA TRP D 71 0.62 4.36 -23.27
C TRP D 71 1.11 4.62 -24.69
N VAL D 72 0.98 3.64 -25.58
CA VAL D 72 1.35 3.85 -26.98
C VAL D 72 0.39 4.84 -27.62
N GLY D 73 -0.91 4.58 -27.49
CA GLY D 73 -1.89 5.47 -28.07
C GLY D 73 -1.72 6.92 -27.63
N VAL D 74 -1.26 7.12 -26.41
CA VAL D 74 -1.08 8.49 -25.91
C VAL D 74 0.26 9.07 -26.35
N ASN D 75 1.35 8.31 -26.25
CA ASN D 75 2.67 8.88 -26.52
C ASN D 75 3.00 8.86 -28.01
N LEU D 76 3.01 7.68 -28.62
CA LEU D 76 3.43 7.55 -30.01
C LEU D 76 2.57 8.43 -30.92
N GLU D 77 3.23 9.39 -31.57
CA GLU D 77 2.51 10.31 -32.44
C GLU D 77 2.14 9.64 -33.77
N ASP D 78 3.06 8.86 -34.33
CA ASP D 78 2.82 8.19 -35.60
C ASP D 78 1.57 7.31 -35.51
N PRO D 79 0.48 7.71 -36.17
CA PRO D 79 -0.72 6.86 -36.13
C PRO D 79 -0.48 5.48 -36.72
N ALA D 80 0.27 5.42 -37.82
CA ALA D 80 0.54 4.13 -38.45
C ALA D 80 1.20 3.19 -37.46
N SER D 81 2.28 3.64 -36.81
CA SER D 81 3.00 2.78 -35.89
C SER D 81 2.13 2.40 -34.70
N ARG D 82 1.43 3.38 -34.10
CA ARG D 82 0.63 3.04 -32.93
C ARG D 82 -0.44 2.02 -33.29
N ASP D 83 -1.10 2.18 -34.45
CA ASP D 83 -2.14 1.25 -34.83
C ASP D 83 -1.56 -0.13 -35.14
N LEU D 84 -0.40 -0.17 -35.80
CA LEU D 84 0.22 -1.44 -36.11
C LEU D 84 0.54 -2.20 -34.84
N VAL D 85 1.18 -1.54 -33.87
CA VAL D 85 1.60 -2.21 -32.65
C VAL D 85 0.39 -2.61 -31.81
N VAL D 86 -0.66 -1.77 -31.79
CA VAL D 86 -1.85 -2.13 -31.01
C VAL D 86 -2.56 -3.31 -31.64
N SER D 87 -2.73 -3.30 -32.97
CA SER D 87 -3.33 -4.43 -33.65
C SER D 87 -2.53 -5.70 -33.40
N TYR D 88 -1.20 -5.59 -33.34
CA TYR D 88 -0.38 -6.75 -33.03
C TYR D 88 -0.68 -7.24 -31.61
N VAL D 89 -0.58 -6.33 -30.63
CA VAL D 89 -0.82 -6.68 -29.24
C VAL D 89 -2.16 -7.39 -29.10
N ASN D 90 -3.15 -6.95 -29.88
CA ASN D 90 -4.45 -7.59 -29.78
C ASN D 90 -4.44 -8.94 -30.48
N THR D 91 -4.27 -8.96 -31.79
CA THR D 91 -4.35 -10.22 -32.53
C THR D 91 -3.36 -11.26 -32.03
N ASN D 92 -2.06 -10.97 -32.24
CA ASN D 92 -1.04 -11.99 -32.11
C ASN D 92 -0.91 -12.48 -30.68
N MET D 93 -1.01 -11.57 -29.72
CA MET D 93 -0.89 -11.94 -28.32
C MET D 93 -2.19 -12.49 -27.77
N GLY D 94 -3.28 -11.75 -27.91
CA GLY D 94 -4.57 -12.22 -27.49
C GLY D 94 -4.86 -13.62 -27.96
N LEU D 95 -4.30 -14.04 -29.10
CA LEU D 95 -4.48 -15.44 -29.50
C LEU D 95 -3.93 -16.39 -28.44
N LYS D 96 -2.65 -16.23 -28.09
CA LYS D 96 -2.03 -17.08 -27.07
C LYS D 96 -2.73 -16.94 -25.73
N PHE D 97 -3.08 -15.71 -25.37
CA PHE D 97 -3.71 -15.48 -24.07
C PHE D 97 -5.10 -16.07 -24.00
N ARG D 98 -5.82 -16.07 -25.13
CA ARG D 98 -7.11 -16.74 -25.21
C ARG D 98 -6.94 -18.24 -25.03
N GLN D 99 -6.01 -18.83 -25.76
CA GLN D 99 -5.67 -20.23 -25.57
C GLN D 99 -5.43 -20.54 -24.09
N LEU D 100 -4.62 -19.72 -23.44
CA LEU D 100 -4.19 -19.98 -22.07
C LEU D 100 -5.34 -19.84 -21.10
N LEU D 101 -6.04 -18.71 -21.15
CA LEU D 101 -7.19 -18.49 -20.28
C LEU D 101 -8.24 -19.56 -20.47
N TRP D 102 -8.50 -19.94 -21.72
CA TRP D 102 -9.43 -21.02 -21.99
C TRP D 102 -9.02 -22.28 -21.26
N PHE D 103 -7.77 -22.72 -21.46
CA PHE D 103 -7.31 -23.93 -20.79
C PHE D 103 -7.55 -23.84 -19.30
N HIS D 104 -7.15 -22.72 -18.69
CA HIS D 104 -7.21 -22.63 -17.24
C HIS D 104 -8.64 -22.62 -16.73
N ILE D 105 -9.48 -21.75 -17.28
CA ILE D 105 -10.86 -21.66 -16.84
C ILE D 105 -11.57 -23.00 -17.05
N SER D 106 -11.31 -23.67 -18.16
CA SER D 106 -11.95 -24.95 -18.42
C SER D 106 -11.50 -26.02 -17.43
N CYS D 107 -10.18 -26.18 -17.27
CA CYS D 107 -9.68 -27.19 -16.35
C CYS D 107 -10.05 -26.89 -14.91
N LEU D 108 -10.42 -25.65 -14.61
CA LEU D 108 -10.95 -25.33 -13.29
C LEU D 108 -12.42 -25.69 -13.20
N THR D 109 -13.20 -25.38 -14.23
CA THR D 109 -14.63 -25.69 -14.21
C THR D 109 -14.87 -27.20 -14.35
N PHE D 110 -14.41 -27.78 -15.46
CA PHE D 110 -14.76 -29.14 -15.81
C PHE D 110 -13.73 -30.18 -15.39
N GLY D 111 -12.47 -29.82 -15.30
CA GLY D 111 -11.45 -30.75 -14.83
C GLY D 111 -10.51 -31.19 -15.94
N ARG D 112 -9.39 -31.78 -15.50
CA ARG D 112 -8.32 -32.13 -16.42
C ARG D 112 -8.72 -33.29 -17.32
N GLU D 113 -9.22 -34.37 -16.74
CA GLU D 113 -9.62 -35.53 -17.54
C GLU D 113 -10.65 -35.11 -18.59
N THR D 114 -11.60 -34.28 -18.20
CA THR D 114 -12.64 -33.86 -19.12
C THR D 114 -12.08 -32.97 -20.22
N VAL D 115 -11.21 -32.02 -19.86
CA VAL D 115 -10.64 -31.15 -20.88
C VAL D 115 -9.79 -31.94 -21.86
N ILE D 116 -9.06 -32.95 -21.38
CA ILE D 116 -8.21 -33.72 -22.27
C ILE D 116 -9.04 -34.61 -23.18
N GLU D 117 -10.05 -35.29 -22.62
CA GLU D 117 -10.98 -36.05 -23.45
C GLU D 117 -11.61 -35.15 -24.51
N TYR D 118 -11.94 -33.92 -24.13
CA TYR D 118 -12.54 -32.98 -25.06
C TYR D 118 -11.58 -32.62 -26.18
N LEU D 119 -10.31 -32.39 -25.84
CA LEU D 119 -9.34 -32.03 -26.86
C LEU D 119 -9.15 -33.18 -27.84
N VAL D 120 -8.99 -34.39 -27.34
CA VAL D 120 -8.88 -35.55 -28.22
C VAL D 120 -10.09 -35.66 -29.13
N SER D 121 -11.29 -35.58 -28.56
CA SER D 121 -12.50 -35.76 -29.34
C SER D 121 -12.68 -34.66 -30.38
N PHE D 122 -12.40 -33.41 -30.01
CA PHE D 122 -12.48 -32.33 -30.98
C PHE D 122 -11.42 -32.47 -32.06
N GLY D 123 -10.27 -33.05 -31.73
CA GLY D 123 -9.30 -33.35 -32.77
C GLY D 123 -9.82 -34.37 -33.76
N VAL D 124 -10.44 -35.43 -33.24
CA VAL D 124 -11.11 -36.40 -34.11
C VAL D 124 -12.10 -35.70 -35.02
N TRP D 125 -12.98 -34.90 -34.42
CA TRP D 125 -14.01 -34.20 -35.18
C TRP D 125 -13.42 -33.34 -36.28
N ILE D 126 -12.45 -32.50 -35.94
CA ILE D 126 -11.93 -31.54 -36.89
C ILE D 126 -10.98 -32.16 -37.89
N ARG D 127 -10.48 -33.37 -37.60
CA ARG D 127 -9.70 -34.10 -38.60
C ARG D 127 -10.60 -34.83 -39.58
N THR D 128 -11.75 -35.29 -39.12
CA THR D 128 -12.68 -35.96 -40.00
C THR D 128 -13.07 -35.03 -41.14
N PRO D 129 -12.97 -35.48 -42.39
CA PRO D 129 -13.45 -34.67 -43.51
C PRO D 129 -14.86 -34.17 -43.25
N PRO D 130 -15.24 -33.03 -43.84
CA PRO D 130 -16.57 -32.48 -43.56
C PRO D 130 -17.71 -33.38 -44.01
N ALA D 131 -17.47 -34.26 -44.97
CA ALA D 131 -18.50 -35.14 -45.48
C ALA D 131 -18.87 -36.25 -44.51
N TYR D 132 -18.17 -36.37 -43.39
CA TYR D 132 -18.39 -37.48 -42.49
C TYR D 132 -18.41 -37.11 -41.02
N ARG D 133 -18.30 -35.82 -40.68
CA ARG D 133 -18.45 -35.48 -39.27
C ARG D 133 -19.83 -34.93 -39.00
N PRO D 134 -20.45 -35.32 -37.89
CA PRO D 134 -21.78 -34.82 -37.58
C PRO D 134 -21.77 -33.31 -37.42
N PRO D 135 -22.94 -32.69 -37.30
CA PRO D 135 -22.98 -31.24 -37.10
C PRO D 135 -22.82 -30.87 -35.64
N ASN D 136 -23.15 -31.80 -34.74
CA ASN D 136 -23.08 -31.56 -33.30
C ASN D 136 -21.67 -31.88 -32.83
N ALA D 137 -20.79 -30.89 -32.96
CA ALA D 137 -19.43 -31.02 -32.48
C ALA D 137 -19.42 -31.31 -30.99
N PRO D 138 -18.26 -31.70 -30.45
CA PRO D 138 -18.17 -31.93 -29.01
C PRO D 138 -18.17 -30.61 -28.26
N ILE D 139 -18.96 -30.56 -27.19
CA ILE D 139 -19.10 -29.37 -26.37
C ILE D 139 -18.65 -29.72 -24.96
N LEU D 140 -18.13 -28.71 -24.28
CA LEU D 140 -17.62 -28.85 -22.92
C LEU D 140 -18.71 -28.36 -21.97
N SER D 141 -19.34 -29.29 -21.25
CA SER D 141 -20.55 -28.98 -20.50
C SER D 141 -20.59 -29.81 -19.22
N THR D 142 -21.56 -29.48 -18.37
CA THR D 142 -21.81 -30.18 -17.13
C THR D 142 -23.09 -31.00 -17.14
N LEU D 143 -24.14 -30.49 -17.77
CA LEU D 143 -25.44 -31.14 -17.79
C LEU D 143 -25.35 -32.57 -18.29
#